data_7U2D
#
_entry.id   7U2D
#
_cell.length_a   101.083
_cell.length_b   101.083
_cell.length_c   80.607
_cell.angle_alpha   90.000
_cell.angle_beta   90.000
_cell.angle_gamma   90.000
#
_symmetry.space_group_name_H-M   'P 41'
#
loop_
_entity.id
_entity.type
_entity.pdbx_description
1 polymer 'Spike protein S1'
2 polymer 'ADG20 heavy chain'
3 polymer 'ADG20 light chain'
4 non-polymer 2-acetamido-2-deoxy-beta-D-glucopyranose
5 non-polymer 'SULFATE ION'
6 non-polymer 'CITRIC ACID'
7 water water
#
loop_
_entity_poly.entity_id
_entity_poly.type
_entity_poly.pdbx_seq_one_letter_code
_entity_poly.pdbx_strand_id
1 'polypeptide(L)'
;TNLCPFGEVFNATRFASVYAWNRKRISNCVADYSVLYNSASFSTFKCYGVSPTKLNDLCFTNVYADSFVIRGDEVRQIAP
GQTGKIADYNYKLPDDFTGCVIAWNSNNLDSKVGGNYNYLYRLFRKSNLKPFERDISTEIYQAGSTPCNGVEGFNCYFPL
QSYGFQPTNGVGYQPYRVVVLSFELLHAPATVCGPKKSGHHHHHH
;
A
2 'polypeptide(L)'
;EVQLVESGGGLVKPGGSLRLSCAASGFTFSSYYMNWVRQAPGKGLEWVSSISEDGYSTYYPDSLKGRFTISRDSAKNSLY
LQMNSLRADDTAVYYCARDFSGHTAWAGTGFEYWGQGTLVTVSSASTKGPSVFPLAPSSKSTSGGTAALGCLVKDYFPEP
VTVSWNSGALTSGVHTFPAVLQSSGLYSLSSVVTVPSSSLGTQTYICNVNHKPSNTKVDKRVEPKSC
;
H
3 'polypeptide(L)'
;QPVLTQPPSVSGAPGQRITISCTGSSSNIGAGYDVHWYQQLPGTAPKLLIYGSSSRNSGVPDRFSGSKSGTSASLAITGL
QAEDEADYYCQSYDSSLSVLYTFGTGTKVTVLGQPKAAPSVTLFPPSSEELQANKATLVCLISDFYPGAVTVAWKADSSP
VKAGVETTTPSKQSNNKYAASSYLSLTPEQWKSHRSYSCQVTHEGSTVEKTVAPTECS
;
L
#
# COMPACT_ATOMS: atom_id res chain seq x y z
N ASN A 2 -17.42 21.10 -48.87
CA ASN A 2 -16.38 20.11 -49.11
C ASN A 2 -15.50 19.92 -47.87
N LEU A 3 -16.14 19.80 -46.72
CA LEU A 3 -15.41 19.58 -45.47
C LEU A 3 -14.82 18.17 -45.42
N CYS A 4 -13.64 18.06 -44.83
CA CYS A 4 -13.02 16.75 -44.69
C CYS A 4 -13.83 15.89 -43.73
N PRO A 5 -14.03 14.60 -44.04
CA PRO A 5 -14.87 13.72 -43.23
C PRO A 5 -14.17 13.15 -42.00
N PHE A 6 -13.59 14.04 -41.17
CA PHE A 6 -13.02 13.61 -39.90
C PHE A 6 -14.10 13.16 -38.92
N GLY A 7 -15.35 13.58 -39.14
CA GLY A 7 -16.42 13.18 -38.22
C GLY A 7 -16.65 11.68 -38.22
N GLU A 8 -16.73 11.08 -39.41
CA GLU A 8 -17.01 9.65 -39.48
C GLU A 8 -15.84 8.79 -39.01
N VAL A 9 -14.68 9.39 -38.77
CA VAL A 9 -13.54 8.68 -38.20
C VAL A 9 -13.58 8.69 -36.69
N PHE A 10 -13.74 9.87 -36.08
CA PHE A 10 -13.79 9.98 -34.64
C PHE A 10 -15.13 9.51 -34.07
N ASN A 11 -16.23 9.86 -34.74
CA ASN A 11 -17.57 9.52 -34.27
C ASN A 11 -18.05 8.17 -34.76
N ALA A 12 -17.17 7.34 -35.30
CA ALA A 12 -17.56 6.01 -35.77
C ALA A 12 -18.01 5.14 -34.60
N THR A 13 -19.03 4.33 -34.85
CA THR A 13 -19.58 3.50 -33.78
C THR A 13 -18.61 2.40 -33.37
N ARG A 14 -17.99 1.72 -34.35
CA ARG A 14 -17.11 0.60 -34.08
C ARG A 14 -15.69 0.94 -34.52
N PHE A 15 -14.72 0.50 -33.73
CA PHE A 15 -13.31 0.66 -34.02
C PHE A 15 -12.66 -0.69 -34.25
N ALA A 16 -11.51 -0.68 -34.91
CA ALA A 16 -10.80 -1.90 -35.30
C ALA A 16 -9.74 -2.26 -34.27
N SER A 17 -9.31 -3.52 -34.31
CA SER A 17 -8.22 -3.98 -33.47
C SER A 17 -6.90 -3.34 -33.91
N VAL A 18 -5.97 -3.25 -32.97
CA VAL A 18 -4.71 -2.58 -33.26
C VAL A 18 -3.89 -3.36 -34.28
N TYR A 19 -3.92 -4.69 -34.22
CA TYR A 19 -3.19 -5.49 -35.20
C TYR A 19 -3.80 -5.35 -36.59
N ALA A 20 -5.09 -5.04 -36.66
CA ALA A 20 -5.78 -4.83 -37.93
C ALA A 20 -6.27 -3.39 -38.01
N TRP A 21 -5.40 -2.44 -37.64
CA TRP A 21 -5.80 -1.05 -37.51
C TRP A 21 -6.39 -0.51 -38.81
N ASN A 22 -7.46 0.27 -38.67
CA ASN A 22 -8.17 0.79 -39.84
C ASN A 22 -7.52 2.08 -40.32
N ARG A 23 -7.55 2.30 -41.63
CA ARG A 23 -6.97 3.49 -42.23
C ARG A 23 -7.96 4.13 -43.17
N LYS A 24 -8.13 5.45 -43.05
CA LYS A 24 -8.98 6.23 -43.94
C LYS A 24 -8.13 7.31 -44.61
N ARG A 25 -8.32 7.45 -45.93
CA ARG A 25 -7.55 8.40 -46.72
C ARG A 25 -8.33 9.69 -46.87
N ILE A 26 -7.67 10.83 -46.62
CA ILE A 26 -8.30 12.14 -46.65
C ILE A 26 -7.74 12.89 -47.85
N SER A 27 -8.63 13.37 -48.73
CA SER A 27 -8.18 14.06 -49.92
C SER A 27 -9.30 14.94 -50.46
N ASN A 28 -8.91 16.00 -51.16
CA ASN A 28 -9.81 16.89 -51.88
C ASN A 28 -10.90 17.45 -50.95
N CYS A 29 -10.44 18.10 -49.89
CA CYS A 29 -11.36 18.69 -48.91
C CYS A 29 -10.61 19.73 -48.11
N VAL A 30 -11.36 20.55 -47.38
CA VAL A 30 -10.82 21.50 -46.42
C VAL A 30 -11.09 20.99 -45.02
N ALA A 31 -10.08 21.02 -44.17
CA ALA A 31 -10.15 20.46 -42.83
C ALA A 31 -10.07 21.57 -41.79
N ASP A 32 -11.07 21.62 -40.91
CA ASP A 32 -11.09 22.57 -39.81
C ASP A 32 -10.53 21.85 -38.58
N TYR A 33 -9.23 22.00 -38.36
CA TYR A 33 -8.58 21.34 -37.23
C TYR A 33 -8.93 22.01 -35.90
N SER A 34 -9.48 23.23 -35.93
CA SER A 34 -9.89 23.88 -34.69
C SER A 34 -10.99 23.11 -33.98
N VAL A 35 -11.78 22.35 -34.72
CA VAL A 35 -12.79 21.49 -34.10
C VAL A 35 -12.13 20.42 -33.24
N LEU A 36 -10.91 20.01 -33.60
CA LEU A 36 -10.23 18.90 -32.93
C LEU A 36 -9.43 19.36 -31.71
N TYR A 37 -8.46 20.26 -31.93
CA TYR A 37 -7.55 20.62 -30.83
C TYR A 37 -8.20 21.51 -29.78
N ASN A 38 -9.36 22.10 -30.08
CA ASN A 38 -10.08 22.90 -29.09
C ASN A 38 -11.07 22.10 -28.27
N SER A 39 -11.38 20.87 -28.68
CA SER A 39 -12.29 20.01 -27.93
C SER A 39 -11.49 19.21 -26.91
N ALA A 40 -11.84 19.36 -25.63
CA ALA A 40 -11.12 18.72 -24.55
C ALA A 40 -11.61 17.29 -24.28
N SER A 41 -12.26 16.66 -25.27
CA SER A 41 -12.73 15.30 -25.12
C SER A 41 -11.65 14.26 -25.42
N PHE A 42 -10.38 14.65 -25.38
CA PHE A 42 -9.27 13.77 -25.71
C PHE A 42 -8.31 13.68 -24.53
N SER A 43 -7.97 12.45 -24.13
CA SER A 43 -7.06 12.27 -23.01
C SER A 43 -5.64 12.64 -23.38
N THR A 44 -5.17 12.24 -24.57
CA THR A 44 -3.87 12.63 -25.07
C THR A 44 -4.02 13.26 -26.45
N PHE A 45 -3.25 14.32 -26.69
CA PHE A 45 -3.24 15.01 -27.98
C PHE A 45 -1.82 15.52 -28.19
N LYS A 46 -1.00 14.72 -28.87
CA LYS A 46 0.42 15.01 -29.02
C LYS A 46 0.77 15.07 -30.49
N CYS A 47 1.33 16.19 -30.94
CA CYS A 47 1.65 16.40 -32.33
C CYS A 47 3.17 16.54 -32.49
N TYR A 48 3.70 15.86 -33.51
CA TYR A 48 5.14 15.80 -33.77
C TYR A 48 5.41 16.41 -35.14
N GLY A 49 6.39 17.32 -35.19
CA GLY A 49 6.74 18.00 -36.42
C GLY A 49 5.85 19.17 -36.77
N VAL A 50 4.79 19.40 -36.01
CA VAL A 50 3.84 20.48 -36.28
C VAL A 50 2.97 20.65 -35.05
N SER A 51 2.63 21.88 -34.70
CA SER A 51 1.64 22.04 -33.66
C SER A 51 0.26 22.28 -34.29
N PRO A 52 -0.82 21.89 -33.62
CA PRO A 52 -2.15 22.00 -34.24
C PRO A 52 -2.58 23.42 -34.56
N THR A 53 -2.04 24.42 -33.85
CA THR A 53 -2.58 25.78 -33.96
C THR A 53 -2.46 26.33 -35.37
N LYS A 54 -1.38 26.02 -36.09
CA LYS A 54 -1.23 26.49 -37.46
C LYS A 54 -1.64 25.44 -38.49
N LEU A 55 -2.21 24.32 -38.06
CA LEU A 55 -2.65 23.32 -39.02
C LEU A 55 -3.76 23.84 -39.93
N ASN A 56 -4.42 24.93 -39.56
CA ASN A 56 -5.43 25.55 -40.39
C ASN A 56 -4.84 26.42 -41.49
N ASP A 57 -3.52 26.61 -41.51
CA ASP A 57 -2.87 27.45 -42.52
C ASP A 57 -1.90 26.65 -43.39
N LEU A 58 -1.99 25.33 -43.39
CA LEU A 58 -1.07 24.49 -44.14
C LEU A 58 -1.85 23.54 -45.04
N CYS A 59 -1.19 23.08 -46.09
CA CYS A 59 -1.77 22.15 -47.05
C CYS A 59 -0.85 20.95 -47.20
N PHE A 60 -1.44 19.76 -47.30
CA PHE A 60 -0.68 18.52 -47.39
C PHE A 60 -1.20 17.68 -48.55
N THR A 61 -0.34 16.79 -49.03
CA THR A 61 -0.69 15.96 -50.18
C THR A 61 -1.55 14.77 -49.78
N ASN A 62 -1.06 13.95 -48.84
CA ASN A 62 -1.76 12.74 -48.44
C ASN A 62 -1.93 12.71 -46.93
N VAL A 63 -3.17 12.56 -46.47
CA VAL A 63 -3.49 12.49 -45.05
C VAL A 63 -4.10 11.12 -44.77
N TYR A 64 -3.59 10.47 -43.73
CA TYR A 64 -4.08 9.16 -43.31
C TYR A 64 -4.56 9.24 -41.87
N ALA A 65 -5.80 8.81 -41.64
CA ALA A 65 -6.37 8.72 -40.30
C ALA A 65 -6.44 7.24 -39.94
N ASP A 66 -5.59 6.82 -39.01
CA ASP A 66 -5.53 5.44 -38.57
C ASP A 66 -6.23 5.30 -37.23
N SER A 67 -7.26 4.48 -37.18
CA SER A 67 -8.08 4.28 -35.99
C SER A 67 -7.86 2.87 -35.44
N PHE A 68 -7.73 2.79 -34.12
CA PHE A 68 -7.68 1.49 -33.44
C PHE A 68 -8.01 1.69 -31.97
N VAL A 69 -8.03 0.58 -31.23
CA VAL A 69 -8.32 0.57 -29.80
C VAL A 69 -7.19 -0.19 -29.11
N ILE A 70 -6.62 0.40 -28.07
CA ILE A 70 -5.52 -0.21 -27.33
C ILE A 70 -5.76 -0.04 -25.84
N ARG A 71 -4.78 -0.51 -25.05
CA ARG A 71 -4.80 -0.33 -23.61
C ARG A 71 -4.35 1.09 -23.26
N GLY A 72 -4.84 1.58 -22.12
CA GLY A 72 -4.46 2.93 -21.70
C GLY A 72 -2.98 3.08 -21.47
N ASP A 73 -2.39 2.16 -20.70
CA ASP A 73 -0.95 2.22 -20.42
C ASP A 73 -0.11 1.87 -21.63
N GLU A 74 -0.73 1.68 -22.79
CA GLU A 74 -0.03 1.48 -24.05
C GLU A 74 -0.18 2.66 -24.99
N VAL A 75 -0.96 3.69 -24.62
CA VAL A 75 -1.06 4.87 -25.45
C VAL A 75 0.30 5.55 -25.59
N ARG A 76 1.14 5.45 -24.56
CA ARG A 76 2.49 5.98 -24.64
C ARG A 76 3.32 5.33 -25.74
N GLN A 77 2.92 4.13 -26.19
CA GLN A 77 3.68 3.42 -27.22
C GLN A 77 3.41 3.92 -28.63
N ILE A 78 2.33 4.67 -28.83
CA ILE A 78 2.02 5.22 -30.17
C ILE A 78 2.74 6.56 -30.24
N ALA A 79 4.03 6.49 -30.58
CA ALA A 79 4.90 7.65 -30.62
C ALA A 79 6.18 7.28 -31.35
N PRO A 80 6.84 8.23 -32.02
CA PRO A 80 8.10 7.91 -32.70
C PRO A 80 9.17 7.46 -31.71
N GLY A 81 9.97 6.50 -32.14
CA GLY A 81 11.08 6.01 -31.32
C GLY A 81 10.65 5.35 -30.03
N GLN A 82 9.62 4.51 -30.07
CA GLN A 82 9.13 3.82 -28.90
C GLN A 82 9.20 2.31 -29.12
N THR A 83 9.42 1.57 -28.04
CA THR A 83 9.49 0.12 -28.09
C THR A 83 8.46 -0.49 -27.14
N GLY A 84 8.05 -1.70 -27.46
CA GLY A 84 7.01 -2.38 -26.70
C GLY A 84 6.19 -3.27 -27.62
N LYS A 85 5.31 -4.06 -26.99
CA LYS A 85 4.52 -5.03 -27.74
C LYS A 85 3.73 -4.36 -28.85
N ILE A 86 2.99 -3.30 -28.52
CA ILE A 86 2.14 -2.63 -29.51
C ILE A 86 2.98 -1.98 -30.59
N ALA A 87 4.00 -1.22 -30.19
CA ALA A 87 4.82 -0.51 -31.16
C ALA A 87 5.62 -1.48 -32.03
N ASP A 88 6.20 -2.52 -31.42
CA ASP A 88 7.07 -3.42 -32.18
C ASP A 88 6.29 -4.41 -33.04
N TYR A 89 5.06 -4.76 -32.65
CA TYR A 89 4.35 -5.84 -33.32
C TYR A 89 3.00 -5.45 -33.92
N ASN A 90 2.43 -4.30 -33.57
CA ASN A 90 1.08 -3.97 -34.01
C ASN A 90 1.02 -2.69 -34.84
N TYR A 91 1.61 -1.61 -34.37
CA TYR A 91 1.55 -0.33 -35.08
C TYR A 91 2.81 0.47 -34.77
N LYS A 92 3.61 0.72 -35.80
CA LYS A 92 4.89 1.39 -35.64
C LYS A 92 4.85 2.76 -36.30
N LEU A 93 5.48 3.74 -35.65
CA LEU A 93 5.58 5.09 -36.17
C LEU A 93 7.03 5.42 -36.51
N PRO A 94 7.30 6.04 -37.66
CA PRO A 94 8.67 6.35 -38.03
C PRO A 94 9.27 7.41 -37.10
N ASP A 95 10.60 7.38 -36.98
CA ASP A 95 11.30 8.37 -36.16
C ASP A 95 11.10 9.77 -36.70
N ASP A 96 10.92 9.91 -38.02
CA ASP A 96 10.68 11.20 -38.66
C ASP A 96 9.20 11.49 -38.84
N PHE A 97 8.35 10.98 -37.95
CA PHE A 97 6.91 11.13 -38.11
C PHE A 97 6.49 12.59 -38.02
N THR A 98 5.61 13.00 -38.90
CA THR A 98 4.99 14.33 -38.87
C THR A 98 3.47 14.13 -38.85
N GLY A 99 2.85 14.60 -37.79
CA GLY A 99 1.42 14.43 -37.63
C GLY A 99 1.07 14.33 -36.15
N CYS A 100 -0.20 14.04 -35.90
CA CYS A 100 -0.73 14.06 -34.55
C CYS A 100 -1.23 12.69 -34.11
N VAL A 101 -1.18 12.46 -32.80
CA VAL A 101 -1.71 11.26 -32.17
C VAL A 101 -2.74 11.73 -31.16
N ILE A 102 -3.96 11.21 -31.27
CA ILE A 102 -5.09 11.60 -30.43
C ILE A 102 -5.65 10.34 -29.80
N ALA A 103 -5.89 10.37 -28.49
CA ALA A 103 -6.41 9.21 -27.80
C ALA A 103 -7.38 9.65 -26.72
N TRP A 104 -8.49 8.93 -26.60
CA TRP A 104 -9.47 9.22 -25.58
C TRP A 104 -10.03 7.94 -24.97
N ASN A 105 -10.39 8.02 -23.69
CA ASN A 105 -10.92 6.88 -22.97
C ASN A 105 -12.28 6.47 -23.54
N SER A 106 -12.46 5.17 -23.73
CA SER A 106 -13.69 4.60 -24.28
C SER A 106 -14.17 3.45 -23.43
N ASN A 107 -14.12 3.61 -22.11
CA ASN A 107 -14.58 2.56 -21.21
C ASN A 107 -16.08 2.34 -21.33
N ASN A 108 -16.85 3.42 -21.50
CA ASN A 108 -18.30 3.29 -21.61
C ASN A 108 -18.74 2.61 -22.90
N LEU A 109 -17.91 2.60 -23.93
CA LEU A 109 -18.28 2.07 -25.24
C LEU A 109 -17.66 0.71 -25.55
N ASP A 110 -16.41 0.47 -25.15
CA ASP A 110 -15.70 -0.74 -25.54
C ASP A 110 -15.52 -1.73 -24.41
N SER A 111 -16.09 -1.48 -23.24
CA SER A 111 -16.01 -2.39 -22.12
C SER A 111 -17.40 -2.94 -21.79
N LYS A 112 -17.43 -4.17 -21.28
CA LYS A 112 -18.68 -4.79 -20.89
C LYS A 112 -18.42 -5.73 -19.72
N VAL A 113 -19.48 -5.99 -18.96
CA VAL A 113 -19.38 -6.87 -17.80
C VAL A 113 -19.10 -8.28 -18.26
N GLY A 114 -18.13 -8.94 -17.62
CA GLY A 114 -17.67 -10.25 -18.03
C GLY A 114 -16.53 -10.24 -19.02
N GLY A 115 -16.15 -9.06 -19.52
CA GLY A 115 -15.01 -8.95 -20.42
C GLY A 115 -15.38 -8.83 -21.88
N ASN A 116 -14.82 -7.83 -22.56
CA ASN A 116 -14.97 -7.68 -24.01
C ASN A 116 -13.71 -8.24 -24.65
N TYR A 117 -13.86 -9.33 -25.39
CA TYR A 117 -12.72 -10.04 -25.97
C TYR A 117 -12.66 -9.92 -27.48
N ASN A 118 -13.43 -9.01 -28.08
CA ASN A 118 -13.42 -8.84 -29.53
C ASN A 118 -12.18 -8.11 -30.03
N TYR A 119 -11.44 -7.44 -29.14
CA TYR A 119 -10.24 -6.71 -29.52
C TYR A 119 -9.01 -7.59 -29.29
N LEU A 120 -8.18 -7.70 -30.33
CA LEU A 120 -7.01 -8.56 -30.31
C LEU A 120 -5.75 -7.72 -30.55
N TYR A 121 -4.62 -8.22 -30.04
CA TYR A 121 -3.32 -7.61 -30.30
C TYR A 121 -2.30 -8.72 -30.53
N ARG A 122 -1.30 -8.40 -31.37
CA ARG A 122 -0.26 -9.36 -31.70
C ARG A 122 0.76 -9.44 -30.58
N LEU A 123 1.05 -10.66 -30.13
CA LEU A 123 1.97 -10.90 -29.02
C LEU A 123 3.38 -11.21 -29.48
N PHE A 124 3.54 -12.02 -30.52
CA PHE A 124 4.85 -12.46 -30.98
C PHE A 124 5.01 -12.16 -32.47
N ARG A 125 6.26 -11.95 -32.87
CA ARG A 125 6.61 -11.81 -34.28
C ARG A 125 8.09 -12.12 -34.43
N LYS A 126 8.47 -12.46 -35.67
CA LYS A 126 9.86 -12.80 -35.94
C LYS A 126 10.74 -11.54 -35.97
N SER A 127 10.21 -10.44 -36.50
CA SER A 127 10.98 -9.21 -36.63
C SER A 127 10.11 -8.03 -36.21
N ASN A 128 10.78 -6.94 -35.84
CA ASN A 128 10.07 -5.73 -35.46
C ASN A 128 9.32 -5.15 -36.65
N LEU A 129 8.17 -4.55 -36.37
CA LEU A 129 7.34 -3.99 -37.43
C LEU A 129 8.00 -2.77 -38.05
N LYS A 130 7.96 -2.72 -39.39
CA LYS A 130 8.38 -1.52 -40.09
C LYS A 130 7.28 -0.46 -40.00
N PRO A 131 7.64 0.83 -40.07
CA PRO A 131 6.64 1.88 -39.89
C PRO A 131 5.49 1.77 -40.88
N PHE A 132 4.27 1.93 -40.37
CA PHE A 132 3.02 1.92 -41.12
C PHE A 132 2.72 0.58 -41.79
N GLU A 133 3.46 -0.47 -41.45
CA GLU A 133 3.21 -1.79 -42.02
C GLU A 133 2.17 -2.51 -41.18
N ARG A 134 1.23 -3.17 -41.86
N ARG A 134 1.20 -3.12 -41.85
CA ARG A 134 0.12 -3.85 -41.22
CA ARG A 134 0.13 -3.86 -41.19
C ARG A 134 0.24 -5.35 -41.48
C ARG A 134 0.30 -5.35 -41.45
N ASP A 135 0.20 -6.14 -40.40
CA ASP A 135 0.32 -7.59 -40.49
C ASP A 135 -0.93 -8.22 -39.89
N ILE A 136 -1.65 -8.99 -40.70
CA ILE A 136 -2.87 -9.67 -40.27
C ILE A 136 -2.73 -11.18 -40.37
N SER A 137 -1.49 -11.67 -40.48
CA SER A 137 -1.27 -13.11 -40.52
C SER A 137 -1.56 -13.74 -39.17
N THR A 138 -2.17 -14.92 -39.19
CA THR A 138 -2.54 -15.65 -37.98
C THR A 138 -1.89 -17.02 -37.95
N GLU A 139 -0.64 -17.11 -38.41
CA GLU A 139 0.09 -18.36 -38.42
C GLU A 139 0.79 -18.59 -37.08
N ILE A 140 1.04 -19.87 -36.77
CA ILE A 140 1.64 -20.23 -35.50
C ILE A 140 3.08 -19.71 -35.46
N TYR A 141 3.44 -19.08 -34.33
CA TYR A 141 4.77 -18.52 -34.15
C TYR A 141 5.68 -19.57 -33.53
N GLN A 142 6.70 -19.98 -34.27
CA GLN A 142 7.68 -20.92 -33.76
C GLN A 142 8.66 -20.18 -32.87
N ALA A 143 8.67 -20.51 -31.58
CA ALA A 143 9.47 -19.81 -30.58
C ALA A 143 10.84 -20.45 -30.36
N GLY A 144 11.37 -21.16 -31.35
CA GLY A 144 12.69 -21.72 -31.21
C GLY A 144 12.96 -23.01 -31.94
N SER A 145 13.35 -24.04 -31.17
CA SER A 145 13.95 -25.24 -31.74
C SER A 145 13.01 -25.96 -32.70
N THR A 146 11.88 -26.48 -32.19
CA THR A 146 11.13 -27.34 -33.09
C THR A 146 10.02 -26.56 -33.80
N PRO A 147 9.66 -26.97 -35.02
CA PRO A 147 8.50 -26.35 -35.69
C PRO A 147 7.19 -26.74 -35.02
N CYS A 148 6.08 -26.19 -35.51
CA CYS A 148 4.79 -26.35 -34.84
C CYS A 148 3.80 -27.23 -35.59
N ASN A 149 3.97 -27.42 -36.89
CA ASN A 149 3.10 -28.25 -37.73
C ASN A 149 1.65 -27.76 -37.73
N GLY A 150 1.38 -26.57 -37.21
CA GLY A 150 0.02 -26.07 -37.11
C GLY A 150 -0.65 -26.26 -35.77
N VAL A 151 0.09 -26.69 -34.75
CA VAL A 151 -0.47 -26.88 -33.41
C VAL A 151 0.33 -26.05 -32.43
N GLU A 152 -0.30 -25.76 -31.30
CA GLU A 152 0.33 -24.98 -30.24
C GLU A 152 1.05 -25.91 -29.27
N GLY A 153 1.58 -25.33 -28.20
CA GLY A 153 2.21 -26.13 -27.16
C GLY A 153 3.61 -25.70 -26.78
N PHE A 154 4.55 -26.64 -26.83
CA PHE A 154 5.94 -26.40 -26.43
C PHE A 154 6.58 -25.42 -27.39
N ASN A 155 6.78 -24.17 -26.93
CA ASN A 155 7.40 -23.12 -27.73
C ASN A 155 6.67 -22.91 -29.06
N CYS A 156 5.34 -23.00 -28.99
CA CYS A 156 4.48 -22.78 -30.15
C CYS A 156 3.20 -22.11 -29.66
N TYR A 157 3.03 -20.84 -30.01
CA TYR A 157 1.93 -20.04 -29.49
C TYR A 157 1.16 -19.39 -30.63
N PHE A 158 -0.13 -19.18 -30.40
CA PHE A 158 -0.93 -18.38 -31.33
C PHE A 158 -0.50 -16.93 -31.23
N PRO A 159 -0.28 -16.24 -32.35
CA PRO A 159 0.31 -14.90 -32.29
C PRO A 159 -0.59 -13.85 -31.64
N LEU A 160 -1.90 -14.04 -31.66
CA LEU A 160 -2.83 -13.01 -31.22
C LEU A 160 -3.38 -13.34 -29.84
N GLN A 161 -3.57 -12.30 -29.02
CA GLN A 161 -4.16 -12.43 -27.70
C GLN A 161 -5.24 -11.38 -27.52
N SER A 162 -6.27 -11.74 -26.77
CA SER A 162 -7.39 -10.84 -26.52
C SER A 162 -7.07 -9.87 -25.39
N TYR A 163 -7.78 -8.75 -25.40
CA TYR A 163 -7.53 -7.68 -24.43
C TYR A 163 -8.30 -7.89 -23.13
N GLY A 164 -9.58 -8.23 -23.24
CA GLY A 164 -10.39 -8.40 -22.02
C GLY A 164 -10.62 -7.09 -21.34
N PHE A 165 -11.56 -6.31 -21.86
CA PHE A 165 -11.84 -4.98 -21.28
C PHE A 165 -13.08 -5.09 -20.38
N GLN A 166 -12.89 -4.93 -19.08
CA GLN A 166 -14.02 -4.97 -18.12
C GLN A 166 -14.19 -3.56 -17.57
N PRO A 167 -15.42 -3.09 -17.29
CA PRO A 167 -15.64 -1.70 -16.88
C PRO A 167 -15.15 -1.32 -15.48
N THR A 168 -14.89 -2.31 -14.63
CA THR A 168 -14.49 -2.04 -13.22
C THR A 168 -12.97 -2.09 -13.11
N ASN A 169 -12.27 -2.14 -14.25
CA ASN A 169 -10.80 -2.21 -14.26
C ASN A 169 -10.20 -0.83 -14.11
N GLY A 170 -8.92 -0.76 -13.76
CA GLY A 170 -8.24 0.54 -13.57
C GLY A 170 -7.98 1.27 -14.85
N VAL A 171 -7.74 2.58 -14.76
CA VAL A 171 -7.54 3.43 -15.97
C VAL A 171 -6.44 2.82 -16.84
N GLY A 172 -5.47 2.12 -16.24
CA GLY A 172 -4.44 1.58 -17.10
C GLY A 172 -4.90 0.40 -17.93
N TYR A 173 -5.97 -0.28 -17.51
CA TYR A 173 -6.50 -1.43 -18.22
C TYR A 173 -7.68 -1.10 -19.14
N GLN A 174 -8.31 0.06 -18.93
CA GLN A 174 -9.50 0.40 -19.70
C GLN A 174 -9.13 0.67 -21.17
N PRO A 175 -10.06 0.40 -22.09
CA PRO A 175 -9.77 0.63 -23.51
C PRO A 175 -9.67 2.11 -23.83
N TYR A 176 -8.82 2.43 -24.80
CA TYR A 176 -8.66 3.78 -25.31
C TYR A 176 -8.71 3.75 -26.83
N ARG A 177 -9.47 4.68 -27.40
CA ARG A 177 -9.57 4.82 -28.84
C ARG A 177 -8.53 5.82 -29.33
N VAL A 178 -7.75 5.42 -30.34
CA VAL A 178 -6.61 6.18 -30.82
C VAL A 178 -6.79 6.44 -32.32
N VAL A 179 -6.62 7.71 -32.70
CA VAL A 179 -6.59 8.15 -34.09
C VAL A 179 -5.24 8.81 -34.35
N VAL A 180 -4.54 8.33 -35.36
CA VAL A 180 -3.25 8.85 -35.77
C VAL A 180 -3.43 9.56 -37.11
N LEU A 181 -3.21 10.87 -37.12
CA LEU A 181 -3.30 11.67 -38.33
C LEU A 181 -1.89 11.86 -38.87
N SER A 182 -1.63 11.30 -40.05
CA SER A 182 -0.34 11.40 -40.72
C SER A 182 -0.49 12.33 -41.91
N PHE A 183 0.38 13.35 -41.97
CA PHE A 183 0.42 14.31 -43.07
C PHE A 183 1.66 14.06 -43.91
N GLU A 184 1.48 13.98 -45.23
CA GLU A 184 2.55 13.63 -46.15
C GLU A 184 2.57 14.63 -47.29
N LEU A 185 3.77 15.13 -47.61
CA LEU A 185 3.96 16.12 -48.67
C LEU A 185 4.87 15.49 -49.73
N LEU A 186 4.33 15.27 -50.91
CA LEU A 186 5.05 14.65 -52.02
C LEU A 186 5.10 15.62 -53.20
N HIS A 187 5.63 15.14 -54.33
CA HIS A 187 5.56 15.89 -55.57
C HIS A 187 4.21 15.63 -56.24
N ALA A 188 3.16 15.82 -55.46
CA ALA A 188 1.77 15.59 -55.86
C ALA A 188 0.96 16.75 -55.35
N PRO A 189 -0.20 17.03 -55.95
CA PRO A 189 -0.95 18.22 -55.55
C PRO A 189 -1.51 18.07 -54.13
N ALA A 190 -1.30 19.11 -53.33
CA ALA A 190 -1.79 19.14 -51.95
C ALA A 190 -3.30 19.37 -51.98
N THR A 191 -4.06 18.30 -51.82
CA THR A 191 -5.51 18.38 -51.98
C THR A 191 -6.21 18.88 -50.74
N VAL A 192 -5.63 18.68 -49.56
CA VAL A 192 -6.26 19.09 -48.31
C VAL A 192 -5.65 20.42 -47.87
N CYS A 193 -6.47 21.26 -47.26
CA CYS A 193 -6.03 22.55 -46.77
C CYS A 193 -6.89 22.95 -45.57
N GLY A 194 -6.52 24.08 -44.97
CA GLY A 194 -7.28 24.63 -43.88
C GLY A 194 -7.96 25.92 -44.27
N PRO A 195 -8.89 26.41 -43.43
CA PRO A 195 -9.60 27.65 -43.74
C PRO A 195 -8.76 28.89 -43.45
N GLU B 1 2.30 -18.45 -0.11
CA GLU B 1 3.29 -18.47 -1.18
C GLU B 1 3.75 -17.06 -1.53
N VAL B 2 2.79 -16.15 -1.68
CA VAL B 2 3.11 -14.77 -2.01
C VAL B 2 3.77 -14.10 -0.81
N GLN B 3 4.92 -13.49 -1.04
CA GLN B 3 5.68 -12.84 0.03
C GLN B 3 6.17 -11.49 -0.45
N LEU B 4 5.87 -10.46 0.34
CA LEU B 4 6.35 -9.09 0.10
C LEU B 4 7.06 -8.62 1.35
N VAL B 5 8.34 -8.26 1.21
CA VAL B 5 9.16 -7.84 2.34
C VAL B 5 9.73 -6.46 2.04
N GLU B 6 9.46 -5.51 2.94
CA GLU B 6 9.93 -4.14 2.78
C GLU B 6 11.17 -3.89 3.62
N SER B 7 11.98 -2.92 3.18
CA SER B 7 13.20 -2.57 3.88
C SER B 7 13.60 -1.14 3.48
N GLY B 8 14.51 -0.57 4.26
CA GLY B 8 15.00 0.77 4.03
C GLY B 8 14.45 1.82 4.97
N GLY B 9 13.45 1.50 5.78
CA GLY B 9 12.88 2.48 6.68
C GLY B 9 13.82 2.83 7.82
N GLY B 10 13.65 4.05 8.34
CA GLY B 10 14.47 4.53 9.43
C GLY B 10 14.30 6.02 9.67
N LEU B 11 15.39 6.70 9.99
CA LEU B 11 15.37 8.13 10.25
C LEU B 11 15.87 8.89 9.03
N VAL B 12 15.20 10.00 8.73
CA VAL B 12 15.62 10.91 7.68
C VAL B 12 15.33 12.33 8.14
N LYS B 13 16.20 13.26 7.76
CA LYS B 13 16.04 14.65 8.16
C LYS B 13 14.94 15.31 7.34
N PRO B 14 14.31 16.35 7.88
CA PRO B 14 13.35 17.12 7.07
C PRO B 14 14.02 17.68 5.83
N GLY B 15 13.33 17.55 4.70
CA GLY B 15 13.89 17.93 3.41
C GLY B 15 14.82 16.90 2.80
N GLY B 16 15.07 15.78 3.48
CA GLY B 16 15.94 14.74 2.97
C GLY B 16 15.21 13.77 2.06
N SER B 17 15.96 12.79 1.58
CA SER B 17 15.46 11.79 0.64
C SER B 17 15.75 10.39 1.17
N LEU B 18 14.82 9.47 0.90
CA LEU B 18 14.97 8.09 1.31
C LEU B 18 14.54 7.17 0.17
N ARG B 19 15.06 5.95 0.19
CA ARG B 19 14.70 4.93 -0.80
C ARG B 19 14.22 3.69 -0.07
N LEU B 20 12.96 3.34 -0.28
CA LEU B 20 12.38 2.12 0.29
C LEU B 20 12.37 1.04 -0.78
N SER B 21 12.71 -0.18 -0.37
CA SER B 21 12.74 -1.33 -1.28
C SER B 21 11.73 -2.37 -0.81
N CYS B 22 11.21 -3.14 -1.76
CA CYS B 22 10.24 -4.19 -1.47
C CYS B 22 10.53 -5.38 -2.37
N ALA B 23 10.97 -6.48 -1.78
CA ALA B 23 11.22 -7.72 -2.51
C ALA B 23 9.95 -8.55 -2.56
N ALA B 24 9.67 -9.10 -3.73
CA ALA B 24 8.46 -9.87 -3.98
C ALA B 24 8.82 -11.28 -4.44
N SER B 25 8.06 -12.26 -3.97
CA SER B 25 8.28 -13.65 -4.35
C SER B 25 6.96 -14.40 -4.32
N GLY B 26 6.94 -15.55 -5.00
CA GLY B 26 5.78 -16.40 -5.01
C GLY B 26 4.81 -16.19 -6.16
N PHE B 27 5.07 -15.23 -7.05
CA PHE B 27 4.18 -14.97 -8.17
C PHE B 27 4.98 -14.36 -9.31
N THR B 28 4.38 -14.38 -10.50
CA THR B 28 4.99 -13.76 -11.66
C THR B 28 5.02 -12.25 -11.46
N PHE B 29 6.19 -11.71 -11.18
CA PHE B 29 6.31 -10.31 -10.75
C PHE B 29 5.89 -9.36 -11.87
N SER B 30 6.29 -9.64 -13.10
CA SER B 30 6.06 -8.73 -14.22
C SER B 30 4.65 -8.79 -14.77
N SER B 31 3.71 -9.42 -14.07
CA SER B 31 2.35 -9.57 -14.55
C SER B 31 1.33 -8.78 -13.72
N TYR B 32 1.79 -7.99 -12.75
CA TYR B 32 0.90 -7.30 -11.84
C TYR B 32 1.32 -5.84 -11.67
N TYR B 33 0.32 -4.98 -11.46
CA TYR B 33 0.58 -3.63 -10.99
C TYR B 33 1.11 -3.67 -9.57
N MET B 34 2.00 -2.73 -9.25
CA MET B 34 2.54 -2.61 -7.91
C MET B 34 2.13 -1.27 -7.31
N ASN B 35 1.97 -1.24 -5.99
CA ASN B 35 1.50 -0.04 -5.32
C ASN B 35 2.26 0.18 -4.03
N TRP B 36 2.35 1.45 -3.64
CA TRP B 36 2.85 1.87 -2.33
C TRP B 36 1.73 2.61 -1.62
N VAL B 37 1.46 2.21 -0.37
CA VAL B 37 0.50 2.90 0.48
C VAL B 37 1.18 3.19 1.82
N ARG B 38 0.64 4.16 2.55
CA ARG B 38 1.23 4.54 3.83
C ARG B 38 0.13 4.75 4.86
N GLN B 39 0.52 4.58 6.13
CA GLN B 39 -0.38 4.76 7.26
C GLN B 39 0.37 5.50 8.36
N ALA B 40 -0.08 6.71 8.68
CA ALA B 40 0.50 7.43 9.79
C ALA B 40 0.16 6.74 11.10
N PRO B 41 1.02 6.86 12.13
CA PRO B 41 0.75 6.16 13.40
C PRO B 41 -0.58 6.51 14.02
N GLY B 42 -1.48 5.53 14.08
CA GLY B 42 -2.82 5.72 14.60
C GLY B 42 -3.80 6.35 13.63
N LYS B 43 -3.40 6.60 12.39
CA LYS B 43 -4.22 7.27 11.39
C LYS B 43 -4.70 6.25 10.37
N GLY B 44 -5.38 6.74 9.33
CA GLY B 44 -5.92 5.89 8.29
C GLY B 44 -4.89 5.56 7.21
N LEU B 45 -5.38 4.87 6.19
CA LEU B 45 -4.54 4.45 5.06
C LEU B 45 -4.61 5.49 3.95
N GLU B 46 -3.47 5.67 3.27
CA GLU B 46 -3.37 6.61 2.16
C GLU B 46 -2.54 5.99 1.05
N TRP B 47 -3.14 5.84 -0.13
CA TRP B 47 -2.41 5.35 -1.28
C TRP B 47 -1.35 6.36 -1.70
N VAL B 48 -0.14 5.88 -1.98
CA VAL B 48 1.01 6.74 -2.24
C VAL B 48 1.40 6.73 -3.71
N SER B 49 1.52 5.56 -4.31
CA SER B 49 1.98 5.51 -5.70
C SER B 49 1.59 4.18 -6.33
N SER B 50 1.60 4.17 -7.67
CA SER B 50 1.26 2.98 -8.44
C SER B 50 2.13 2.91 -9.68
N ILE B 51 2.47 1.68 -10.08
CA ILE B 51 3.27 1.43 -11.27
C ILE B 51 2.70 0.23 -12.01
N SER B 52 2.72 0.29 -13.35
CA SER B 52 2.18 -0.75 -14.20
C SER B 52 3.11 -1.95 -14.26
N GLU B 53 2.64 -3.01 -14.92
CA GLU B 53 3.41 -4.24 -15.01
C GLU B 53 4.71 -4.03 -15.80
N ASP B 54 4.66 -3.27 -16.89
CA ASP B 54 5.86 -2.99 -17.66
C ASP B 54 6.73 -1.91 -17.04
N GLY B 55 6.23 -1.19 -16.04
CA GLY B 55 7.02 -0.22 -15.32
C GLY B 55 7.25 1.09 -16.05
N TYR B 56 6.54 1.34 -17.16
CA TYR B 56 6.72 2.57 -17.92
C TYR B 56 5.63 3.61 -17.64
N SER B 57 4.61 3.27 -16.86
CA SER B 57 3.55 4.20 -16.49
C SER B 57 3.49 4.30 -14.97
N THR B 58 3.58 5.53 -14.47
CA THR B 58 3.58 5.80 -13.04
C THR B 58 2.40 6.69 -12.68
N TYR B 59 1.84 6.47 -11.49
CA TYR B 59 0.66 7.18 -11.04
C TYR B 59 0.87 7.65 -9.60
N TYR B 60 0.55 8.91 -9.34
CA TYR B 60 0.66 9.51 -8.02
C TYR B 60 -0.53 10.41 -7.77
N PRO B 61 -0.91 10.61 -6.51
CA PRO B 61 -1.93 11.62 -6.19
C PRO B 61 -1.35 13.02 -6.24
N ASP B 62 -2.23 13.98 -6.52
CA ASP B 62 -1.80 15.38 -6.61
C ASP B 62 -1.30 15.92 -5.28
N SER B 63 -1.67 15.29 -4.16
CA SER B 63 -1.26 15.80 -2.85
C SER B 63 0.24 15.69 -2.64
N LEU B 64 0.90 14.72 -3.27
CA LEU B 64 2.33 14.50 -3.06
C LEU B 64 3.21 15.46 -3.86
N LYS B 65 2.64 16.19 -4.82
CA LYS B 65 3.35 17.22 -5.58
C LYS B 65 4.56 16.67 -6.32
N GLY B 66 4.52 15.40 -6.70
CA GLY B 66 5.57 14.84 -7.55
C GLY B 66 6.93 14.73 -6.92
N ARG B 67 7.02 14.72 -5.59
CA ARG B 67 8.29 14.48 -4.92
C ARG B 67 8.50 13.00 -4.60
N PHE B 68 7.56 12.14 -5.00
CA PHE B 68 7.69 10.70 -4.85
C PHE B 68 7.82 10.08 -6.24
N THR B 69 8.70 9.08 -6.36
CA THR B 69 8.89 8.37 -7.62
C THR B 69 8.86 6.87 -7.36
N ILE B 70 8.13 6.14 -8.19
CA ILE B 70 8.01 4.69 -8.08
C ILE B 70 8.74 4.05 -9.25
N SER B 71 9.46 2.97 -8.98
CA SER B 71 10.18 2.24 -10.01
C SER B 71 10.14 0.76 -9.69
N ARG B 72 10.39 -0.06 -10.70
CA ARG B 72 10.40 -1.51 -10.53
C ARG B 72 11.56 -2.11 -11.30
N ASP B 73 12.01 -3.28 -10.84
CA ASP B 73 13.16 -3.98 -11.43
C ASP B 73 12.82 -5.45 -11.49
N SER B 74 12.61 -5.96 -12.71
CA SER B 74 12.33 -7.38 -12.88
C SER B 74 13.58 -8.23 -12.78
N ALA B 75 14.77 -7.64 -12.96
CA ALA B 75 16.01 -8.39 -12.80
C ALA B 75 16.22 -8.83 -11.36
N LYS B 76 15.59 -8.15 -10.40
CA LYS B 76 15.60 -8.56 -9.00
C LYS B 76 14.20 -8.79 -8.44
N ASN B 77 13.16 -8.57 -9.24
CA ASN B 77 11.77 -8.67 -8.79
C ASN B 77 11.52 -7.78 -7.58
N SER B 78 12.02 -6.54 -7.67
CA SER B 78 11.96 -5.59 -6.57
C SER B 78 11.22 -4.34 -6.98
N LEU B 79 10.64 -3.65 -5.99
CA LEU B 79 9.92 -2.41 -6.19
C LEU B 79 10.55 -1.33 -5.32
N TYR B 80 10.81 -0.16 -5.88
CA TYR B 80 11.51 0.91 -5.20
C TYR B 80 10.66 2.17 -5.15
N LEU B 81 10.66 2.82 -4.00
CA LEU B 81 9.99 4.10 -3.80
C LEU B 81 11.02 5.12 -3.33
N GLN B 82 11.19 6.18 -4.11
CA GLN B 82 12.12 7.26 -3.78
C GLN B 82 11.32 8.47 -3.31
N MET B 83 11.59 8.90 -2.08
CA MET B 83 10.90 10.01 -1.45
C MET B 83 11.87 11.18 -1.30
N ASN B 84 11.48 12.34 -1.79
CA ASN B 84 12.33 13.52 -1.79
C ASN B 84 11.61 14.68 -1.11
N SER B 85 12.40 15.60 -0.57
CA SER B 85 11.88 16.75 0.17
C SER B 85 10.94 16.31 1.29
N LEU B 86 11.38 15.29 2.02
CA LEU B 86 10.54 14.68 3.05
C LEU B 86 10.31 15.65 4.21
N ARG B 87 9.20 15.46 4.89
CA ARG B 87 8.77 16.34 5.97
C ARG B 87 8.15 15.49 7.08
N ALA B 88 7.88 16.13 8.21
CA ALA B 88 7.40 15.42 9.39
C ALA B 88 6.09 14.69 9.12
N ASP B 89 5.23 15.26 8.28
CA ASP B 89 3.94 14.63 7.99
C ASP B 89 4.08 13.31 7.25
N ASP B 90 5.24 13.04 6.65
CA ASP B 90 5.46 11.80 5.91
C ASP B 90 5.91 10.65 6.80
N THR B 91 6.07 10.89 8.11
CA THR B 91 6.41 9.82 9.04
C THR B 91 5.26 8.83 9.12
N ALA B 92 5.49 7.60 8.66
CA ALA B 92 4.41 6.63 8.58
C ALA B 92 4.99 5.24 8.33
N VAL B 93 4.14 4.24 8.48
CA VAL B 93 4.47 2.87 8.08
C VAL B 93 4.06 2.70 6.63
N TYR B 94 5.01 2.32 5.79
CA TYR B 94 4.82 2.20 4.35
C TYR B 94 4.76 0.74 3.96
N TYR B 95 3.71 0.37 3.21
CA TYR B 95 3.50 -0.97 2.72
C TYR B 95 3.58 -0.98 1.20
N CYS B 96 4.32 -1.95 0.66
CA CYS B 96 4.23 -2.29 -0.75
C CYS B 96 3.14 -3.34 -0.93
N ALA B 97 2.41 -3.26 -2.04
CA ALA B 97 1.27 -4.11 -2.26
C ALA B 97 1.19 -4.52 -3.73
N ARG B 98 0.65 -5.71 -3.95
CA ARG B 98 0.42 -6.24 -5.29
C ARG B 98 -1.05 -6.06 -5.66
N ASP B 99 -1.30 -5.70 -6.92
CA ASP B 99 -2.65 -5.46 -7.38
C ASP B 99 -3.29 -6.78 -7.81
N PHE B 100 -4.53 -6.68 -8.31
CA PHE B 100 -5.23 -7.85 -8.81
C PHE B 100 -4.70 -8.23 -10.19
N SER B 101 -4.97 -9.48 -10.58
CA SER B 101 -4.52 -9.97 -11.88
C SER B 101 -5.23 -9.24 -13.00
N GLY B 102 -4.52 -9.09 -14.13
CA GLY B 102 -5.13 -8.49 -15.30
C GLY B 102 -6.30 -9.28 -15.85
N HIS B 103 -6.37 -10.58 -15.54
CA HIS B 103 -7.51 -11.39 -15.95
C HIS B 103 -8.75 -11.08 -15.13
N THR B 104 -8.57 -10.66 -13.87
CA THR B 104 -9.70 -10.38 -13.00
C THR B 104 -10.44 -9.12 -13.46
N ALA B 105 -11.58 -8.87 -12.83
CA ALA B 105 -12.43 -7.74 -13.17
C ALA B 105 -12.04 -6.46 -12.44
N TRP B 106 -11.06 -6.52 -11.54
CA TRP B 106 -10.65 -5.37 -10.74
C TRP B 106 -9.15 -5.16 -10.82
N ALA B 107 -8.58 -5.36 -12.01
CA ALA B 107 -7.16 -5.15 -12.20
C ALA B 107 -6.82 -3.67 -12.02
N GLY B 108 -5.78 -3.40 -11.23
CA GLY B 108 -5.38 -2.04 -10.96
C GLY B 108 -6.39 -1.23 -10.18
N THR B 109 -7.07 -1.85 -9.20
CA THR B 109 -8.09 -1.16 -8.43
C THR B 109 -7.86 -1.32 -6.93
N GLY B 110 -7.30 -2.45 -6.52
CA GLY B 110 -7.11 -2.71 -5.10
C GLY B 110 -5.72 -3.18 -4.72
N PHE B 111 -5.60 -3.77 -3.53
CA PHE B 111 -4.32 -4.25 -3.01
C PHE B 111 -4.57 -5.65 -2.45
N GLU B 112 -4.39 -6.67 -3.29
CA GLU B 112 -4.70 -8.03 -2.89
C GLU B 112 -3.76 -8.53 -1.79
N TYR B 113 -2.47 -8.26 -1.91
CA TYR B 113 -1.48 -8.73 -0.96
C TYR B 113 -0.68 -7.56 -0.42
N TRP B 114 -0.35 -7.63 0.87
CA TRP B 114 0.38 -6.58 1.55
C TRP B 114 1.66 -7.13 2.15
N GLY B 115 2.60 -6.23 2.43
CA GLY B 115 3.84 -6.58 3.08
C GLY B 115 3.84 -6.28 4.56
N GLN B 116 4.95 -6.60 5.20
CA GLN B 116 5.10 -6.32 6.64
C GLN B 116 5.09 -4.83 6.92
N GLY B 117 5.54 -4.01 5.96
CA GLY B 117 5.60 -2.58 6.15
C GLY B 117 6.87 -2.15 6.84
N THR B 118 7.32 -0.91 6.59
CA THR B 118 8.50 -0.38 7.24
C THR B 118 8.23 1.04 7.72
N LEU B 119 8.75 1.37 8.90
CA LEU B 119 8.49 2.66 9.52
C LEU B 119 9.52 3.69 9.03
N VAL B 120 9.02 4.82 8.51
CA VAL B 120 9.86 5.93 8.10
C VAL B 120 9.54 7.10 9.02
N THR B 121 10.55 7.58 9.74
CA THR B 121 10.41 8.64 10.73
C THR B 121 11.23 9.84 10.26
N VAL B 122 10.55 10.93 9.92
CA VAL B 122 11.20 12.16 9.51
C VAL B 122 11.37 13.03 10.75
N SER B 123 12.62 13.23 11.18
CA SER B 123 12.90 13.98 12.39
C SER B 123 14.23 14.68 12.25
N SER B 124 14.36 15.80 12.96
CA SER B 124 15.63 16.52 13.06
C SER B 124 16.52 15.98 14.17
N ALA B 125 16.08 14.97 14.89
CA ALA B 125 16.84 14.38 15.99
C ALA B 125 17.89 13.44 15.42
N SER B 126 18.51 12.64 16.30
CA SER B 126 19.61 11.76 15.92
C SER B 126 19.26 10.32 16.22
N THR B 127 19.67 9.42 15.34
CA THR B 127 19.55 8.00 15.61
C THR B 127 20.49 7.59 16.74
N LYS B 128 19.99 6.77 17.66
CA LYS B 128 20.77 6.34 18.81
C LYS B 128 20.45 4.89 19.13
N GLY B 129 21.50 4.09 19.31
CA GLY B 129 21.35 2.71 19.72
C GLY B 129 20.85 2.61 21.14
N PRO B 130 20.10 1.57 21.44
CA PRO B 130 19.49 1.43 22.77
C PRO B 130 20.45 0.81 23.78
N SER B 131 20.05 0.88 25.04
CA SER B 131 20.73 0.21 26.14
C SER B 131 19.80 -0.85 26.70
N VAL B 132 20.32 -2.06 26.89
CA VAL B 132 19.53 -3.20 27.35
C VAL B 132 19.92 -3.53 28.77
N PHE B 133 18.92 -3.63 29.65
CA PHE B 133 19.15 -3.97 31.04
C PHE B 133 18.23 -5.11 31.45
N PRO B 134 18.64 -5.92 32.42
CA PRO B 134 17.81 -7.05 32.84
C PRO B 134 16.90 -6.70 34.01
N LEU B 135 15.82 -7.47 34.12
CA LEU B 135 14.80 -7.31 35.16
C LEU B 135 14.50 -8.69 35.70
N ALA B 136 15.13 -9.05 36.82
CA ALA B 136 15.11 -10.36 37.43
C ALA B 136 14.18 -10.40 38.63
N PRO B 137 13.55 -11.56 38.91
CA PRO B 137 12.68 -11.72 40.07
C PRO B 137 13.46 -11.91 41.37
N GLY B 145 4.13 -22.03 41.53
CA GLY B 145 4.59 -20.66 41.54
C GLY B 145 5.33 -20.26 40.27
N THR B 146 5.10 -19.03 39.82
CA THR B 146 5.73 -18.51 38.62
C THR B 146 6.41 -17.18 38.93
N ALA B 147 7.40 -16.83 38.12
CA ALA B 147 8.17 -15.62 38.29
C ALA B 147 8.24 -14.86 36.97
N ALA B 148 8.38 -13.53 37.09
CA ALA B 148 8.47 -12.64 35.93
C ALA B 148 9.92 -12.35 35.61
N LEU B 149 10.28 -12.50 34.34
CA LEU B 149 11.65 -12.34 33.88
C LEU B 149 11.61 -11.43 32.66
N GLY B 150 12.44 -10.39 32.63
CA GLY B 150 12.33 -9.49 31.50
C GLY B 150 13.58 -8.71 31.22
N CYS B 151 13.51 -7.89 30.17
CA CYS B 151 14.59 -6.97 29.85
C CYS B 151 14.01 -5.65 29.32
N LEU B 152 14.68 -4.56 29.67
CA LEU B 152 14.25 -3.21 29.36
C LEU B 152 15.20 -2.60 28.33
N VAL B 153 14.61 -2.06 27.27
CA VAL B 153 15.33 -1.40 26.18
C VAL B 153 15.07 0.10 26.33
N LYS B 154 16.13 0.87 26.58
CA LYS B 154 16.00 2.25 27.00
C LYS B 154 16.84 3.15 26.11
N ASP B 155 16.35 4.38 25.90
CA ASP B 155 17.11 5.47 25.29
C ASP B 155 17.53 5.10 23.86
N TYR B 156 16.53 4.90 23.01
CA TYR B 156 16.75 4.65 21.59
C TYR B 156 15.86 5.55 20.76
N PHE B 157 16.29 5.78 19.52
CA PHE B 157 15.56 6.64 18.59
C PHE B 157 16.06 6.35 17.19
N PRO B 158 15.18 6.23 16.19
CA PRO B 158 13.72 6.26 16.38
C PRO B 158 13.14 4.86 16.48
N GLU B 159 11.81 4.77 16.41
CA GLU B 159 11.14 3.48 16.39
C GLU B 159 11.40 2.78 15.06
N PRO B 160 11.25 1.45 15.00
CA PRO B 160 10.90 0.52 16.07
C PRO B 160 12.05 -0.36 16.53
N VAL B 161 11.79 -1.20 17.53
CA VAL B 161 12.73 -2.21 18.00
C VAL B 161 11.94 -3.48 18.31
N THR B 162 12.48 -4.62 17.90
CA THR B 162 11.85 -5.91 18.13
C THR B 162 12.60 -6.67 19.22
N VAL B 163 11.87 -7.46 20.00
CA VAL B 163 12.44 -8.24 21.08
C VAL B 163 11.99 -9.69 20.93
N SER B 164 12.94 -10.62 20.96
CA SER B 164 12.67 -12.04 21.00
C SER B 164 13.32 -12.63 22.25
N TRP B 165 12.96 -13.86 22.57
CA TRP B 165 13.48 -14.54 23.75
C TRP B 165 14.09 -15.88 23.34
N ASN B 166 15.32 -16.12 23.78
CA ASN B 166 16.05 -17.34 23.48
C ASN B 166 16.12 -17.60 21.96
N SER B 167 16.46 -16.53 21.23
CA SER B 167 16.58 -16.58 19.77
C SER B 167 15.28 -17.05 19.12
N GLY B 168 14.15 -16.64 19.69
CA GLY B 168 12.85 -16.96 19.16
C GLY B 168 12.29 -18.31 19.57
N ALA B 169 13.01 -19.06 20.41
CA ALA B 169 12.51 -20.37 20.81
C ALA B 169 11.36 -20.27 21.80
N LEU B 170 11.42 -19.29 22.69
CA LEU B 170 10.41 -19.13 23.74
C LEU B 170 9.31 -18.20 23.26
N THR B 171 8.08 -18.73 23.19
CA THR B 171 6.91 -17.95 22.78
C THR B 171 5.80 -17.90 23.80
N SER B 172 5.74 -18.86 24.73
CA SER B 172 4.66 -18.89 25.72
C SER B 172 4.95 -17.93 26.86
N GLY B 173 3.94 -17.16 27.26
CA GLY B 173 4.07 -16.24 28.37
C GLY B 173 4.78 -14.93 28.05
N VAL B 174 5.16 -14.71 26.80
CA VAL B 174 5.89 -13.49 26.42
C VAL B 174 4.91 -12.33 26.30
N HIS B 175 5.39 -11.14 26.68
CA HIS B 175 4.58 -9.93 26.58
C HIS B 175 5.54 -8.77 26.32
N THR B 176 5.45 -8.18 25.13
CA THR B 176 6.24 -7.01 24.78
C THR B 176 5.35 -5.77 24.84
N PHE B 177 5.78 -4.78 25.60
CA PHE B 177 4.91 -3.63 25.83
C PHE B 177 5.21 -2.51 24.83
N PRO B 178 4.22 -1.68 24.52
CA PRO B 178 4.47 -0.52 23.67
C PRO B 178 5.45 0.44 24.33
N ALA B 179 6.24 1.11 23.51
CA ALA B 179 7.26 2.02 24.00
C ALA B 179 6.64 3.31 24.53
N VAL B 180 7.44 4.03 25.32
CA VAL B 180 7.05 5.34 25.85
C VAL B 180 8.07 6.36 25.37
N LEU B 181 7.61 7.60 25.23
CA LEU B 181 8.47 8.71 24.80
C LEU B 181 8.81 9.55 26.02
N GLN B 182 10.07 9.54 26.42
CA GLN B 182 10.51 10.30 27.57
C GLN B 182 10.73 11.77 27.20
N SER B 183 10.94 12.60 28.22
CA SER B 183 11.13 14.03 27.99
C SER B 183 12.39 14.31 27.18
N SER B 184 13.40 13.43 27.25
CA SER B 184 14.61 13.61 26.49
C SER B 184 14.42 13.36 25.00
N GLY B 185 13.29 12.79 24.60
CA GLY B 185 13.07 12.46 23.20
C GLY B 185 13.54 11.09 22.78
N LEU B 186 13.79 10.20 23.74
CA LEU B 186 14.25 8.84 23.45
C LEU B 186 13.21 7.85 23.95
N TYR B 187 13.04 6.77 23.20
CA TYR B 187 12.01 5.78 23.49
C TYR B 187 12.54 4.72 24.46
N SER B 188 11.60 4.05 25.14
CA SER B 188 11.92 2.99 26.07
C SER B 188 10.74 2.04 26.16
N LEU B 189 11.02 0.73 26.09
CA LEU B 189 10.02 -0.30 26.29
C LEU B 189 10.62 -1.43 27.11
N SER B 190 9.77 -2.38 27.49
CA SER B 190 10.21 -3.54 28.23
C SER B 190 9.53 -4.78 27.69
N SER B 191 10.18 -5.93 27.83
CA SER B 191 9.62 -7.21 27.43
C SER B 191 9.75 -8.18 28.59
N VAL B 192 8.64 -8.81 28.96
CA VAL B 192 8.59 -9.69 30.12
C VAL B 192 8.07 -11.07 29.69
N VAL B 193 8.23 -12.03 30.57
CA VAL B 193 7.73 -13.39 30.36
C VAL B 193 7.59 -14.06 31.72
N THR B 194 6.48 -14.75 31.92
CA THR B 194 6.20 -15.46 33.15
C THR B 194 6.57 -16.92 32.97
N VAL B 195 7.39 -17.45 33.90
CA VAL B 195 7.93 -18.80 33.75
C VAL B 195 7.90 -19.49 35.10
N PRO B 196 7.87 -20.84 35.07
CA PRO B 196 7.93 -21.59 36.33
C PRO B 196 9.20 -21.27 37.12
N SER B 197 9.05 -21.22 38.44
CA SER B 197 10.15 -20.78 39.30
C SER B 197 11.29 -21.79 39.31
N SER B 198 10.97 -23.09 39.27
CA SER B 198 12.01 -24.11 39.32
C SER B 198 12.92 -24.03 38.11
N SER B 199 12.36 -23.78 36.93
CA SER B 199 13.15 -23.73 35.70
C SER B 199 14.21 -22.64 35.73
N LEU B 200 14.08 -21.64 36.61
CA LEU B 200 15.11 -20.62 36.74
C LEU B 200 16.43 -21.21 37.22
N GLY B 201 16.37 -22.31 37.97
CA GLY B 201 17.58 -22.94 38.47
C GLY B 201 18.27 -23.87 37.50
N THR B 202 17.73 -24.07 36.31
CA THR B 202 18.29 -25.00 35.34
C THR B 202 18.42 -24.46 33.93
N GLN B 203 17.69 -23.41 33.55
CA GLN B 203 17.67 -22.91 32.19
C GLN B 203 18.08 -21.46 32.16
N THR B 204 18.93 -21.10 31.19
CA THR B 204 19.36 -19.73 31.00
C THR B 204 18.36 -18.99 30.11
N TYR B 205 18.18 -17.71 30.38
CA TYR B 205 17.19 -16.88 29.70
C TYR B 205 17.89 -15.71 29.04
N ILE B 206 17.75 -15.60 27.72
CA ILE B 206 18.42 -14.59 26.91
C ILE B 206 17.35 -13.75 26.22
N CYS B 207 17.53 -12.44 26.25
CA CYS B 207 16.64 -11.53 25.53
C CYS B 207 17.40 -10.90 24.37
N ASN B 208 16.83 -10.97 23.17
CA ASN B 208 17.45 -10.48 21.95
C ASN B 208 16.71 -9.23 21.48
N VAL B 209 17.46 -8.16 21.28
CA VAL B 209 16.91 -6.85 20.95
C VAL B 209 17.48 -6.42 19.60
N ASN B 210 16.59 -6.07 18.67
CA ASN B 210 16.97 -5.69 17.31
C ASN B 210 16.43 -4.29 17.03
N HIS B 211 17.35 -3.35 16.78
CA HIS B 211 17.03 -1.97 16.44
C HIS B 211 17.60 -1.72 15.05
N LYS B 212 16.79 -2.00 14.03
CA LYS B 212 17.23 -1.83 12.65
C LYS B 212 17.64 -0.41 12.29
N PRO B 213 16.94 0.65 12.71
CA PRO B 213 17.36 2.00 12.29
C PRO B 213 18.80 2.34 12.66
N SER B 214 19.32 1.81 13.77
CA SER B 214 20.71 1.99 14.14
C SER B 214 21.54 0.74 13.87
N ASN B 215 20.96 -0.28 13.23
CA ASN B 215 21.66 -1.51 12.89
C ASN B 215 22.28 -2.17 14.13
N THR B 216 21.50 -2.24 15.20
CA THR B 216 21.98 -2.73 16.49
C THR B 216 21.29 -4.04 16.84
N LYS B 217 22.07 -4.99 17.36
CA LYS B 217 21.54 -6.24 17.90
C LYS B 217 22.25 -6.51 19.22
N VAL B 218 21.47 -6.72 20.28
CA VAL B 218 22.01 -6.92 21.62
C VAL B 218 21.39 -8.16 22.24
N ASP B 219 22.23 -9.05 22.75
CA ASP B 219 21.78 -10.22 23.51
C ASP B 219 22.11 -9.99 24.97
N LYS B 220 21.09 -10.06 25.84
CA LYS B 220 21.25 -9.78 27.25
C LYS B 220 20.90 -11.02 28.07
N ARG B 221 21.79 -11.39 28.98
CA ARG B 221 21.56 -12.48 29.92
C ARG B 221 20.82 -11.94 31.13
N VAL B 222 19.61 -12.46 31.37
CA VAL B 222 18.81 -12.06 32.52
C VAL B 222 18.87 -13.21 33.52
N GLU B 223 19.50 -12.96 34.67
CA GLU B 223 19.69 -13.97 35.68
C GLU B 223 19.13 -13.51 37.02
N PRO B 224 18.50 -14.41 37.79
CA PRO B 224 17.92 -14.00 39.08
C PRO B 224 19.02 -13.70 40.09
N LYS B 225 18.98 -12.49 40.65
CA LYS B 225 20.01 -12.03 41.57
C LYS B 225 19.61 -12.36 43.01
N SER B 226 20.63 -12.49 43.86
CA SER B 226 20.46 -12.84 45.27
C SER B 226 19.69 -14.14 45.44
N GLN C 1 -7.44 15.63 -1.28
CA GLN C 1 -7.66 14.21 -1.59
C GLN C 1 -8.96 13.71 -0.96
N PRO C 2 -9.93 13.36 -1.80
CA PRO C 2 -11.20 12.83 -1.29
C PRO C 2 -11.02 11.46 -0.66
N VAL C 3 -11.91 11.16 0.28
CA VAL C 3 -11.92 9.88 0.98
C VAL C 3 -13.34 9.34 1.00
N LEU C 4 -13.50 8.15 1.55
CA LEU C 4 -14.81 7.55 1.79
C LEU C 4 -15.09 7.60 3.29
N THR C 5 -16.23 8.16 3.66
CA THR C 5 -16.56 8.35 5.06
C THR C 5 -17.19 7.09 5.64
N GLN C 6 -16.72 6.68 6.81
CA GLN C 6 -17.23 5.55 7.55
C GLN C 6 -17.49 5.99 8.99
N PRO C 7 -18.35 5.28 9.71
CA PRO C 7 -18.50 5.54 11.15
C PRO C 7 -17.18 5.30 11.87
N PRO C 8 -16.84 6.12 12.86
CA PRO C 8 -15.55 5.94 13.54
C PRO C 8 -15.43 4.60 14.24
N SER C 9 -16.51 4.08 14.80
CA SER C 9 -16.46 2.80 15.50
C SER C 9 -17.86 2.22 15.60
N VAL C 10 -17.94 0.90 15.53
CA VAL C 10 -19.19 0.16 15.65
C VAL C 10 -18.97 -0.98 16.66
N SER C 11 -19.93 -1.14 17.56
CA SER C 11 -19.84 -2.15 18.61
C SER C 11 -21.07 -3.03 18.60
N GLY C 12 -20.93 -4.21 19.18
CA GLY C 12 -22.05 -5.13 19.29
C GLY C 12 -21.71 -6.31 20.17
N ALA C 13 -22.77 -6.93 20.69
CA ALA C 13 -22.62 -8.16 21.46
C ALA C 13 -22.21 -9.30 20.54
N PRO C 14 -21.53 -10.36 21.08
CA PRO C 14 -21.02 -11.46 20.25
C PRO C 14 -22.08 -12.48 19.85
N GLY C 15 -23.28 -12.00 19.57
CA GLY C 15 -24.32 -12.82 18.97
C GLY C 15 -25.10 -12.13 17.88
N GLN C 16 -24.85 -10.85 17.64
CA GLN C 16 -25.69 -10.04 16.76
C GLN C 16 -24.96 -9.65 15.49
N ARG C 17 -25.72 -9.03 14.57
CA ARG C 17 -25.20 -8.58 13.29
C ARG C 17 -24.93 -7.08 13.34
N ILE C 18 -23.78 -6.68 12.80
CA ILE C 18 -23.41 -5.28 12.72
C ILE C 18 -23.11 -4.93 11.28
N THR C 19 -23.24 -3.64 10.96
CA THR C 19 -22.99 -3.14 9.61
C THR C 19 -22.08 -1.92 9.68
N ILE C 20 -21.20 -1.82 8.68
CA ILE C 20 -20.29 -0.69 8.53
C ILE C 20 -20.60 -0.03 7.20
N SER C 21 -20.93 1.25 7.23
CA SER C 21 -21.26 2.00 6.03
C SER C 21 -20.00 2.62 5.43
N CYS C 22 -20.07 2.91 4.13
CA CYS C 22 -18.95 3.49 3.40
C CYS C 22 -19.55 4.39 2.32
N THR C 23 -19.54 5.69 2.56
CA THR C 23 -20.22 6.65 1.68
C THR C 23 -19.20 7.24 0.71
N GLY C 24 -19.49 7.10 -0.58
CA GLY C 24 -18.66 7.69 -1.61
C GLY C 24 -19.42 8.72 -2.42
N SER C 25 -18.80 9.22 -3.47
CA SER C 25 -19.42 10.21 -4.35
C SER C 25 -19.68 9.59 -5.71
N SER C 26 -20.19 10.41 -6.63
CA SER C 26 -20.45 9.95 -8.00
C SER C 26 -19.17 9.68 -8.77
N SER C 27 -18.02 10.09 -8.25
CA SER C 27 -16.76 9.93 -8.95
C SER C 27 -16.07 8.61 -8.68
N ASN C 28 -16.35 7.96 -7.55
CA ASN C 28 -15.66 6.72 -7.19
C ASN C 28 -16.60 5.51 -7.17
N ILE C 29 -17.66 5.56 -6.37
CA ILE C 29 -18.54 4.39 -6.25
C ILE C 29 -19.69 4.46 -7.24
N GLY C 30 -20.24 5.66 -7.46
CA GLY C 30 -21.27 5.84 -8.46
C GLY C 30 -20.78 5.87 -9.88
N ALA C 31 -19.46 5.80 -10.08
CA ALA C 31 -18.86 5.79 -11.41
C ALA C 31 -18.74 4.38 -11.98
N GLY C 32 -19.21 3.36 -11.27
CA GLY C 32 -19.13 2.00 -11.74
C GLY C 32 -17.99 1.17 -11.18
N TYR C 33 -17.29 1.67 -10.17
CA TYR C 33 -16.17 0.96 -9.57
C TYR C 33 -16.61 0.23 -8.30
N ASP C 34 -16.05 -0.95 -8.08
CA ASP C 34 -16.42 -1.76 -6.93
C ASP C 34 -15.67 -1.28 -5.68
N VAL C 35 -15.98 -1.91 -4.55
CA VAL C 35 -15.44 -1.52 -3.25
C VAL C 35 -14.73 -2.72 -2.64
N HIS C 36 -13.54 -2.49 -2.11
CA HIS C 36 -12.78 -3.52 -1.42
C HIS C 36 -12.70 -3.18 0.07
N TRP C 37 -12.78 -4.21 0.90
CA TRP C 37 -12.73 -4.07 2.35
C TRP C 37 -11.49 -4.77 2.88
N TYR C 38 -10.73 -4.06 3.72
CA TYR C 38 -9.52 -4.56 4.32
C TYR C 38 -9.66 -4.57 5.83
N GLN C 39 -9.16 -5.64 6.45
CA GLN C 39 -9.19 -5.81 7.90
C GLN C 39 -7.77 -5.76 8.45
N GLN C 40 -7.56 -4.89 9.43
CA GLN C 40 -6.25 -4.71 10.08
C GLN C 40 -6.39 -5.06 11.54
N LEU C 41 -5.74 -6.15 11.95
CA LEU C 41 -5.63 -6.52 13.35
C LEU C 41 -4.60 -5.61 14.04
N PRO C 42 -4.73 -5.43 15.35
CA PRO C 42 -3.80 -4.52 16.05
C PRO C 42 -2.36 -4.99 15.94
N GLY C 43 -1.50 -4.08 15.47
CA GLY C 43 -0.08 -4.35 15.34
C GLY C 43 0.32 -5.08 14.08
N THR C 44 -0.63 -5.40 13.19
CA THR C 44 -0.35 -6.13 11.97
C THR C 44 -0.71 -5.29 10.75
N ALA C 45 -0.27 -5.75 9.59
CA ALA C 45 -0.56 -5.09 8.33
C ALA C 45 -1.99 -5.39 7.89
N PRO C 46 -2.61 -4.50 7.10
CA PRO C 46 -3.96 -4.77 6.60
C PRO C 46 -3.98 -5.99 5.70
N LYS C 47 -5.12 -6.69 5.71
CA LYS C 47 -5.33 -7.88 4.91
C LYS C 47 -6.58 -7.69 4.07
N LEU C 48 -6.56 -8.24 2.85
CA LEU C 48 -7.72 -8.15 1.97
C LEU C 48 -8.82 -9.07 2.49
N LEU C 49 -9.98 -8.48 2.78
CA LEU C 49 -11.12 -9.21 3.32
C LEU C 49 -12.23 -9.40 2.30
N ILE C 50 -12.59 -8.34 1.58
CA ILE C 50 -13.67 -8.40 0.59
C ILE C 50 -13.19 -7.68 -0.67
N TYR C 51 -13.48 -8.28 -1.83
CA TYR C 51 -13.18 -7.65 -3.11
C TYR C 51 -14.39 -7.77 -4.01
N GLY C 52 -14.50 -6.83 -4.97
CA GLY C 52 -15.64 -6.82 -5.86
C GLY C 52 -16.93 -6.36 -5.23
N SER C 53 -16.86 -5.78 -4.03
CA SER C 53 -17.99 -5.23 -3.28
C SER C 53 -18.91 -6.32 -2.73
N SER C 54 -18.74 -7.56 -3.17
CA SER C 54 -19.51 -8.67 -2.60
C SER C 54 -18.73 -9.95 -2.36
N SER C 55 -17.54 -10.12 -2.93
CA SER C 55 -16.86 -11.41 -2.90
C SER C 55 -15.91 -11.50 -1.71
N ARG C 56 -15.79 -12.72 -1.17
CA ARG C 56 -14.97 -12.98 -0.01
C ARG C 56 -13.60 -13.49 -0.43
N ASN C 57 -12.55 -12.95 0.18
CA ASN C 57 -11.21 -13.44 -0.06
C ASN C 57 -11.06 -14.85 0.51
N SER C 58 -10.05 -15.56 0.02
CA SER C 58 -9.80 -16.91 0.49
C SER C 58 -9.50 -16.91 1.98
N GLY C 59 -10.15 -17.82 2.71
CA GLY C 59 -10.01 -17.90 4.15
C GLY C 59 -10.92 -17.00 4.95
N VAL C 60 -11.81 -16.25 4.30
CA VAL C 60 -12.73 -15.36 4.99
C VAL C 60 -14.03 -16.11 5.25
N PRO C 61 -14.50 -16.16 6.50
CA PRO C 61 -15.74 -16.88 6.79
C PRO C 61 -16.96 -16.24 6.15
N ASP C 62 -18.00 -17.05 5.99
CA ASP C 62 -19.24 -16.58 5.39
C ASP C 62 -19.98 -15.57 6.25
N ARG C 63 -19.57 -15.38 7.50
CA ARG C 63 -20.19 -14.38 8.35
C ARG C 63 -19.97 -12.96 7.82
N PHE C 64 -18.93 -12.76 7.01
CA PHE C 64 -18.68 -11.46 6.39
C PHE C 64 -19.37 -11.40 5.03
N SER C 65 -20.04 -10.29 4.75
CA SER C 65 -20.67 -10.08 3.46
C SER C 65 -20.54 -8.61 3.09
N GLY C 66 -20.63 -8.33 1.79
CA GLY C 66 -20.51 -6.97 1.30
C GLY C 66 -21.59 -6.66 0.29
N SER C 67 -21.88 -5.37 0.18
CA SER C 67 -22.87 -4.90 -0.79
C SER C 67 -22.55 -3.46 -1.17
N LYS C 68 -23.11 -3.04 -2.31
CA LYS C 68 -22.98 -1.66 -2.74
C LYS C 68 -24.22 -1.26 -3.52
N SER C 69 -24.58 0.02 -3.42
CA SER C 69 -25.72 0.55 -4.15
C SER C 69 -25.58 2.06 -4.23
N GLY C 70 -25.91 2.61 -5.40
CA GLY C 70 -25.82 4.04 -5.60
C GLY C 70 -24.40 4.52 -5.39
N THR C 71 -24.22 5.47 -4.47
CA THR C 71 -22.91 6.01 -4.14
C THR C 71 -22.38 5.45 -2.82
N SER C 72 -22.98 4.39 -2.27
CA SER C 72 -22.61 3.89 -0.97
C SER C 72 -22.35 2.39 -1.03
N ALA C 73 -21.69 1.89 0.03
CA ALA C 73 -21.40 0.47 0.18
C ALA C 73 -21.52 0.11 1.66
N SER C 74 -21.64 -1.18 1.93
CA SER C 74 -21.81 -1.64 3.31
C SER C 74 -21.15 -3.00 3.48
N LEU C 75 -20.59 -3.21 4.67
CA LEU C 75 -19.99 -4.47 5.08
C LEU C 75 -20.75 -4.99 6.28
N ALA C 76 -21.30 -6.19 6.18
CA ALA C 76 -22.13 -6.79 7.22
C ALA C 76 -21.42 -7.97 7.85
N ILE C 77 -21.38 -7.99 9.18
CA ILE C 77 -20.82 -9.11 9.93
C ILE C 77 -21.94 -9.72 10.76
N THR C 78 -22.21 -11.00 10.54
CA THR C 78 -23.25 -11.72 11.26
C THR C 78 -22.62 -12.71 12.22
N GLY C 79 -23.03 -12.66 13.48
CA GLY C 79 -22.45 -13.52 14.48
C GLY C 79 -21.08 -13.04 14.94
N LEU C 80 -21.06 -11.88 15.60
CA LEU C 80 -19.81 -11.27 16.03
C LEU C 80 -19.03 -12.21 16.95
N GLN C 81 -17.70 -12.22 16.78
CA GLN C 81 -16.81 -13.00 17.62
C GLN C 81 -15.72 -12.09 18.17
N ALA C 82 -15.06 -12.58 19.22
CA ALA C 82 -14.03 -11.79 19.88
C ALA C 82 -12.81 -11.54 18.98
N GLU C 83 -12.61 -12.37 17.97
CA GLU C 83 -11.48 -12.20 17.06
C GLU C 83 -11.75 -11.16 15.97
N ASP C 84 -12.95 -10.59 15.92
CA ASP C 84 -13.29 -9.61 14.90
C ASP C 84 -12.86 -8.19 15.26
N GLU C 85 -12.42 -7.96 16.50
CA GLU C 85 -11.99 -6.63 16.91
C GLU C 85 -10.80 -6.17 16.09
N ALA C 86 -11.01 -5.18 15.23
CA ALA C 86 -9.97 -4.73 14.30
C ALA C 86 -10.43 -3.44 13.65
N ASP C 87 -9.59 -2.91 12.77
CA ASP C 87 -9.92 -1.76 11.94
C ASP C 87 -10.39 -2.25 10.57
N TYR C 88 -11.49 -1.70 10.08
CA TYR C 88 -12.04 -2.08 8.79
C TYR C 88 -12.06 -0.86 7.88
N TYR C 89 -11.48 -1.00 6.69
CA TYR C 89 -11.35 0.08 5.73
C TYR C 89 -12.02 -0.31 4.42
N CYS C 90 -12.79 0.61 3.85
CA CYS C 90 -13.30 0.45 2.50
C CYS C 90 -12.45 1.27 1.53
N GLN C 91 -12.46 0.85 0.27
CA GLN C 91 -11.61 1.47 -0.74
C GLN C 91 -12.25 1.31 -2.11
N SER C 92 -12.14 2.36 -2.92
CA SER C 92 -12.72 2.36 -4.27
C SER C 92 -11.73 3.05 -5.21
N TYR C 93 -12.19 3.33 -6.43
CA TYR C 93 -11.34 3.83 -7.50
C TYR C 93 -11.97 5.05 -8.14
N ASP C 94 -11.14 5.99 -8.56
CA ASP C 94 -11.57 7.20 -9.25
C ASP C 94 -10.89 7.26 -10.61
N SER C 95 -11.67 7.56 -11.65
CA SER C 95 -11.10 7.62 -13.00
C SER C 95 -10.08 8.75 -13.15
N SER C 96 -10.24 9.82 -12.39
CA SER C 96 -9.32 10.95 -12.48
C SER C 96 -7.91 10.51 -12.09
N LEU C 97 -6.93 10.86 -12.92
CA LEU C 97 -5.55 10.46 -12.69
C LEU C 97 -4.95 11.11 -11.45
N SER C 98 -5.58 12.14 -10.91
CA SER C 98 -5.09 12.79 -9.70
C SER C 98 -5.56 12.13 -8.42
N VAL C 99 -6.55 11.23 -8.49
CA VAL C 99 -7.10 10.60 -7.30
C VAL C 99 -6.86 9.10 -7.34
N LEU C 100 -7.46 8.43 -8.33
CA LEU C 100 -7.35 6.98 -8.49
C LEU C 100 -7.81 6.24 -7.25
N TYR C 101 -6.91 5.57 -6.55
CA TYR C 101 -7.27 4.79 -5.37
C TYR C 101 -7.75 5.72 -4.26
N THR C 102 -9.01 5.55 -3.84
CA THR C 102 -9.60 6.34 -2.77
C THR C 102 -9.87 5.43 -1.59
N PHE C 103 -9.39 5.83 -0.41
CA PHE C 103 -9.48 5.00 0.77
C PHE C 103 -10.60 5.48 1.69
N GLY C 104 -11.09 4.54 2.51
CA GLY C 104 -12.10 4.87 3.49
C GLY C 104 -11.51 5.44 4.76
N THR C 105 -12.39 5.98 5.60
CA THR C 105 -11.96 6.59 6.86
C THR C 105 -11.43 5.54 7.83
N GLY C 106 -12.11 4.41 7.95
CA GLY C 106 -11.73 3.38 8.89
C GLY C 106 -12.72 3.29 10.03
N THR C 107 -12.99 2.06 10.48
CA THR C 107 -13.95 1.82 11.54
C THR C 107 -13.36 0.83 12.54
N LYS C 108 -13.41 1.18 13.82
CA LYS C 108 -12.95 0.30 14.89
C LYS C 108 -14.11 -0.57 15.35
N VAL C 109 -13.96 -1.89 15.23
CA VAL C 109 -14.99 -2.83 15.63
C VAL C 109 -14.62 -3.41 16.99
N THR C 110 -15.56 -3.36 17.93
CA THR C 110 -15.35 -3.87 19.27
C THR C 110 -16.54 -4.73 19.69
N VAL C 111 -16.26 -5.74 20.52
CA VAL C 111 -17.28 -6.65 21.03
C VAL C 111 -17.48 -6.37 22.52
N LEU C 112 -18.72 -6.47 22.97
CA LEU C 112 -19.08 -6.19 24.35
C LEU C 112 -19.61 -7.46 25.01
N GLY C 113 -19.14 -7.72 26.23
CA GLY C 113 -19.61 -8.88 26.97
C GLY C 113 -18.55 -9.56 27.82
N GLN C 114 -17.28 -9.32 27.51
CA GLN C 114 -16.22 -9.90 28.31
C GLN C 114 -16.23 -9.28 29.71
N PRO C 115 -16.03 -10.08 30.75
CA PRO C 115 -16.15 -9.55 32.12
C PRO C 115 -15.01 -8.61 32.47
N LYS C 116 -15.28 -7.73 33.42
CA LYS C 116 -14.25 -6.83 33.94
C LYS C 116 -13.18 -7.64 34.66
N ALA C 117 -11.91 -7.35 34.36
CA ALA C 117 -10.79 -8.09 34.91
C ALA C 117 -9.86 -7.13 35.65
N ALA C 118 -9.46 -7.53 36.85
CA ALA C 118 -8.50 -6.73 37.61
C ALA C 118 -7.13 -6.78 36.91
N PRO C 119 -6.38 -5.67 36.93
CA PRO C 119 -5.10 -5.65 36.23
C PRO C 119 -4.01 -6.40 36.98
N SER C 120 -3.18 -7.11 36.23
CA SER C 120 -2.01 -7.79 36.77
C SER C 120 -0.82 -6.84 36.69
N VAL C 121 -0.23 -6.55 37.84
CA VAL C 121 0.81 -5.52 37.97
C VAL C 121 2.11 -6.17 38.40
N THR C 122 3.19 -5.86 37.70
CA THR C 122 4.53 -6.31 38.05
C THR C 122 5.45 -5.10 38.20
N LEU C 123 6.19 -5.06 39.29
CA LEU C 123 7.08 -3.95 39.60
C LEU C 123 8.53 -4.43 39.54
N PHE C 124 9.39 -3.64 38.90
CA PHE C 124 10.79 -3.99 38.71
C PHE C 124 11.66 -2.82 39.18
N PRO C 125 12.60 -3.06 40.10
CA PRO C 125 13.48 -2.00 40.57
C PRO C 125 14.65 -1.81 39.63
N PRO C 126 15.48 -0.78 39.83
CA PRO C 126 16.60 -0.56 38.92
C PRO C 126 17.56 -1.74 38.90
N SER C 127 18.10 -2.02 37.72
CA SER C 127 19.02 -3.13 37.54
C SER C 127 20.44 -2.70 37.91
N SER C 128 21.20 -3.64 38.49
CA SER C 128 22.52 -3.31 39.03
C SER C 128 23.42 -2.66 37.99
N GLU C 129 23.33 -3.10 36.73
CA GLU C 129 24.10 -2.48 35.66
C GLU C 129 23.66 -1.04 35.42
N GLU C 130 22.38 -0.74 35.58
CA GLU C 130 21.91 0.63 35.41
C GLU C 130 22.50 1.54 36.50
N LEU C 131 22.52 1.08 37.75
CA LEU C 131 23.19 1.87 38.79
C LEU C 131 24.68 1.96 38.53
N GLN C 132 25.29 0.92 37.95
CA GLN C 132 26.68 1.01 37.53
C GLN C 132 26.87 2.04 36.43
N ALA C 133 25.80 2.40 35.73
CA ALA C 133 25.83 3.43 34.70
C ALA C 133 25.32 4.78 35.21
N ASN C 134 25.11 4.91 36.52
CA ASN C 134 24.69 6.16 37.16
C ASN C 134 23.30 6.60 36.67
N LYS C 135 22.40 5.63 36.51
CA LYS C 135 21.01 5.89 36.16
C LYS C 135 20.11 4.95 36.94
N ALA C 136 18.84 5.33 37.10
CA ALA C 136 17.89 4.48 37.80
C ALA C 136 16.52 4.60 37.17
N THR C 137 15.87 3.47 36.93
CA THR C 137 14.53 3.44 36.35
C THR C 137 13.70 2.36 37.03
N LEU C 138 12.51 2.74 37.49
CA LEU C 138 11.52 1.82 38.05
C LEU C 138 10.51 1.49 36.96
N VAL C 139 10.23 0.21 36.77
CA VAL C 139 9.37 -0.25 35.68
C VAL C 139 8.10 -0.86 36.27
N CYS C 140 6.94 -0.44 35.76
CA CYS C 140 5.66 -0.96 36.19
C CYS C 140 4.92 -1.48 34.97
N LEU C 141 4.64 -2.78 34.94
CA LEU C 141 3.97 -3.43 33.82
C LEU C 141 2.56 -3.84 34.24
N ILE C 142 1.56 -3.42 33.46
CA ILE C 142 0.16 -3.72 33.73
C ILE C 142 -0.36 -4.52 32.55
N SER C 143 -1.00 -5.66 32.83
CA SER C 143 -1.49 -6.52 31.76
C SER C 143 -2.83 -7.13 32.15
N ASP C 144 -3.59 -7.51 31.12
CA ASP C 144 -4.80 -8.32 31.25
C ASP C 144 -5.87 -7.60 32.09
N PHE C 145 -6.32 -6.46 31.57
CA PHE C 145 -7.41 -5.71 32.19
C PHE C 145 -8.40 -5.24 31.13
N TYR C 146 -9.66 -5.09 31.56
CA TYR C 146 -10.80 -4.67 30.75
C TYR C 146 -11.76 -3.97 31.71
N PRO C 147 -12.17 -2.72 31.43
CA PRO C 147 -11.85 -1.87 30.28
C PRO C 147 -10.42 -1.33 30.24
N GLY C 148 -9.98 -0.92 29.05
CA GLY C 148 -8.68 -0.31 28.89
C GLY C 148 -8.66 1.12 29.38
N ALA C 149 -8.77 1.31 30.70
CA ALA C 149 -8.75 2.63 31.29
C ALA C 149 -8.25 2.48 32.73
N VAL C 150 -6.99 2.84 32.97
CA VAL C 150 -6.37 2.75 34.27
C VAL C 150 -5.67 4.06 34.57
N THR C 151 -5.43 4.31 35.86
CA THR C 151 -4.69 5.47 36.31
C THR C 151 -3.52 5.02 37.17
N VAL C 152 -2.33 5.58 36.90
CA VAL C 152 -1.09 5.14 37.52
C VAL C 152 -0.58 6.23 38.44
N ALA C 153 -0.24 5.86 39.68
CA ALA C 153 0.35 6.77 40.65
C ALA C 153 1.60 6.12 41.23
N TRP C 154 2.56 6.97 41.60
CA TRP C 154 3.83 6.52 42.15
C TRP C 154 4.02 7.13 43.54
N LYS C 155 4.41 6.29 44.50
CA LYS C 155 4.60 6.69 45.88
C LYS C 155 6.04 6.46 46.29
N ALA C 156 6.66 7.50 46.83
CA ALA C 156 7.96 7.39 47.50
C ALA C 156 7.68 7.28 49.00
N ASP C 157 7.93 6.11 49.57
CA ASP C 157 7.50 5.80 50.93
C ASP C 157 5.99 5.96 51.04
N SER C 158 5.53 7.15 51.48
CA SER C 158 4.10 7.42 51.59
C SER C 158 3.72 8.75 50.96
N SER C 159 4.58 9.32 50.11
CA SER C 159 4.31 10.62 49.52
C SER C 159 4.21 10.51 48.00
N PRO C 160 3.31 11.26 47.36
CA PRO C 160 3.18 11.16 45.90
C PRO C 160 4.42 11.67 45.18
N VAL C 161 4.67 11.09 44.02
CA VAL C 161 5.77 11.49 43.13
C VAL C 161 5.17 11.89 41.79
N LYS C 162 5.54 13.07 41.30
CA LYS C 162 5.01 13.58 40.04
C LYS C 162 6.06 13.77 38.96
N ALA C 163 7.33 13.96 39.31
CA ALA C 163 8.37 14.22 38.34
C ALA C 163 9.03 12.91 37.89
N GLY C 164 9.30 12.83 36.60
CA GLY C 164 9.96 11.66 36.04
C GLY C 164 9.06 10.50 35.69
N VAL C 165 7.74 10.70 35.71
CA VAL C 165 6.79 9.63 35.41
C VAL C 165 6.42 9.69 33.93
N GLU C 166 6.60 8.56 33.24
CA GLU C 166 6.20 8.43 31.84
C GLU C 166 5.32 7.20 31.72
N THR C 167 4.04 7.40 31.37
CA THR C 167 3.07 6.32 31.30
C THR C 167 2.49 6.24 29.91
N THR C 168 2.35 5.02 29.40
CA THR C 168 1.78 4.77 28.08
C THR C 168 0.27 4.57 28.17
N THR C 169 -0.41 4.92 27.09
CA THR C 169 -1.85 4.69 27.01
C THR C 169 -2.13 3.19 26.89
N PRO C 170 -3.29 2.74 27.39
CA PRO C 170 -3.64 1.32 27.24
C PRO C 170 -3.75 0.92 25.78
N SER C 171 -3.32 -0.30 25.48
CA SER C 171 -3.32 -0.82 24.12
C SER C 171 -3.92 -2.23 24.12
N LYS C 172 -4.46 -2.62 22.97
CA LYS C 172 -5.16 -3.89 22.85
C LYS C 172 -4.18 -5.05 22.81
N GLN C 173 -4.52 -6.10 23.55
CA GLN C 173 -3.78 -7.35 23.55
C GLN C 173 -4.47 -8.33 22.60
N SER C 174 -3.68 -9.24 22.02
CA SER C 174 -4.24 -10.22 21.09
C SER C 174 -5.33 -11.06 21.72
N ASN C 175 -5.30 -11.25 23.04
CA ASN C 175 -6.36 -11.94 23.76
C ASN C 175 -7.53 -11.03 24.11
N ASN C 176 -7.63 -9.88 23.45
CA ASN C 176 -8.70 -8.89 23.56
C ASN C 176 -8.67 -8.11 24.86
N LYS C 177 -7.73 -8.39 25.76
CA LYS C 177 -7.57 -7.58 26.97
C LYS C 177 -6.64 -6.42 26.66
N TYR C 178 -6.20 -5.70 27.69
CA TYR C 178 -5.41 -4.49 27.52
C TYR C 178 -4.16 -4.53 28.37
N ALA C 179 -3.16 -3.76 27.95
CA ALA C 179 -1.88 -3.68 28.65
C ALA C 179 -1.36 -2.25 28.61
N ALA C 180 -0.48 -1.94 29.54
CA ALA C 180 0.12 -0.62 29.66
C ALA C 180 1.40 -0.73 30.49
N SER C 181 2.14 0.38 30.55
CA SER C 181 3.37 0.40 31.33
C SER C 181 3.65 1.82 31.80
N SER C 182 4.45 1.91 32.86
CA SER C 182 4.87 3.18 33.43
C SER C 182 6.33 3.09 33.85
N TYR C 183 7.02 4.23 33.75
CA TYR C 183 8.44 4.30 34.06
C TYR C 183 8.69 5.50 34.95
N LEU C 184 9.48 5.29 36.01
CA LEU C 184 9.90 6.34 36.92
C LEU C 184 11.41 6.49 36.83
N SER C 185 11.87 7.64 36.34
CA SER C 185 13.28 7.90 36.14
C SER C 185 13.83 8.69 37.33
N LEU C 186 14.97 8.25 37.86
CA LEU C 186 15.57 8.91 39.01
C LEU C 186 17.03 8.50 39.12
N THR C 187 17.79 9.34 39.82
CA THR C 187 19.17 9.07 40.15
C THR C 187 19.26 8.03 41.27
N PRO C 188 20.38 7.32 41.38
CA PRO C 188 20.52 6.35 42.48
C PRO C 188 20.41 6.99 43.86
N GLU C 189 20.68 8.28 43.99
CA GLU C 189 20.60 8.93 45.30
C GLU C 189 19.17 8.92 45.85
N GLN C 190 18.19 9.25 45.01
CA GLN C 190 16.80 9.18 45.45
C GLN C 190 16.37 7.74 45.70
N TRP C 191 16.87 6.81 44.90
CA TRP C 191 16.52 5.40 45.07
C TRP C 191 17.01 4.87 46.41
N LYS C 192 18.25 5.22 46.79
CA LYS C 192 18.81 4.72 48.05
C LYS C 192 18.26 5.45 49.26
N SER C 193 17.91 6.73 49.13
CA SER C 193 17.49 7.53 50.28
C SER C 193 16.11 7.17 50.79
N HIS C 194 15.35 6.34 50.08
CA HIS C 194 13.99 5.99 50.45
C HIS C 194 13.90 4.50 50.77
N ARG C 195 13.02 4.16 51.70
CA ARG C 195 12.89 2.76 52.12
C ARG C 195 12.19 1.92 51.05
N SER C 196 11.15 2.45 50.43
CA SER C 196 10.37 1.68 49.47
C SER C 196 9.78 2.59 48.41
N TYR C 197 9.44 2.00 47.27
CA TYR C 197 8.77 2.70 46.18
C TYR C 197 7.57 1.86 45.74
N SER C 198 6.43 2.52 45.57
CA SER C 198 5.18 1.85 45.29
C SER C 198 4.58 2.32 43.97
N CYS C 199 4.09 1.37 43.19
CA CYS C 199 3.34 1.64 41.97
C CYS C 199 1.90 1.22 42.21
N GLN C 200 0.97 2.16 42.06
CA GLN C 200 -0.44 1.95 42.36
C GLN C 200 -1.26 2.19 41.10
N VAL C 201 -2.16 1.25 40.78
CA VAL C 201 -2.97 1.31 39.57
C VAL C 201 -4.43 1.28 39.99
N THR C 202 -5.18 2.32 39.62
CA THR C 202 -6.61 2.41 39.89
C THR C 202 -7.37 2.02 38.63
N HIS C 203 -8.39 1.18 38.82
CA HIS C 203 -9.14 0.58 37.72
C HIS C 203 -10.55 0.31 38.26
N GLU C 204 -11.54 1.01 37.70
CA GLU C 204 -12.95 0.84 38.08
C GLU C 204 -13.14 0.98 39.59
N GLY C 205 -12.44 1.94 40.19
CA GLY C 205 -12.57 2.18 41.61
C GLY C 205 -11.86 1.20 42.51
N SER C 206 -11.04 0.31 41.96
CA SER C 206 -10.26 -0.63 42.75
C SER C 206 -8.78 -0.45 42.41
N THR C 207 -7.95 -0.37 43.44
CA THR C 207 -6.52 -0.09 43.27
C THR C 207 -5.70 -1.32 43.62
N VAL C 208 -4.76 -1.66 42.75
CA VAL C 208 -3.78 -2.71 42.98
C VAL C 208 -2.41 -2.07 42.99
N GLU C 209 -1.63 -2.34 44.03
CA GLU C 209 -0.34 -1.70 44.20
C GLU C 209 0.74 -2.72 44.49
N LYS C 210 1.95 -2.41 44.04
CA LYS C 210 3.13 -3.22 44.29
C LYS C 210 4.23 -2.33 44.86
N THR C 211 5.17 -2.93 45.58
CA THR C 211 6.21 -2.19 46.25
C THR C 211 7.56 -2.89 46.05
N VAL C 212 8.62 -2.07 45.97
CA VAL C 212 9.98 -2.57 45.85
C VAL C 212 10.87 -1.80 46.83
N ALA C 213 11.99 -2.41 47.19
CA ALA C 213 12.92 -1.84 48.14
C ALA C 213 14.35 -1.95 47.62
N PRO C 214 15.22 -1.02 48.00
CA PRO C 214 16.63 -1.10 47.56
C PRO C 214 17.42 -2.20 48.25
N THR C 215 16.87 -2.86 49.25
CA THR C 215 17.58 -3.93 49.96
C THR C 215 17.78 -5.14 49.07
#